data_3J9S
#
_entry.id   3J9S
#
_cell.length_a   1.000
_cell.length_b   1.000
_cell.length_c   1.000
_cell.angle_alpha   90.00
_cell.angle_beta   90.00
_cell.angle_gamma   90.00
#
_symmetry.space_group_name_H-M   'P 1'
#
loop_
_entity.id
_entity.type
_entity.pdbx_description
1 polymer 'Intermediate capsid protein VP6'
2 non-polymer 'ZINC ION'
3 non-polymer 'CHLORIDE ION'
4 non-polymer 'CALCIUM ION'
5 water water
#
_entity_poly.entity_id   1
_entity_poly.type   'polypeptide(L)'
_entity_poly.pdbx_seq_one_letter_code
;(ACE)MDVLYSLSKTLKDARDKIVEGTLYSNVSDLIQQFNQMIITMNGNEFQTGGIGNLPIRNWNFDFGLLGTTLLNLDA
NYVETARNTIDYFVDFVDNVCMDEMVRESQRNGIAPQSDSLIKLSGIKFKRINFDNSSEYIENWNLQNRRQRTGFTFHKP
NIFPYSASFTLNRSQPAHDNLMGTMWLNAGSEIQVAGFDYSCAINAPANTQQFEHIVQLRRVLTTATITLLPDAERFSFP
RVITSADGATTWYFNPVILRPNNVEIEFLLNGQIINTYQARFGTIIARNFDTIRLSFQLMRPPNMTPAVAALFPNAQPFE
HHATVGLTLRIESAVCESVLADASETMLANVTSVRQEYAIPVGPVFPPGMNWTDLITNYSPSREDNLQRVFTVASIRSML
VK
;
_entity_poly.pdbx_strand_id   A
#
loop_
_chem_comp.id
_chem_comp.type
_chem_comp.name
_chem_comp.formula
ACE non-polymer 'ACETYL GROUP' 'C2 H4 O'
CA non-polymer 'CALCIUM ION' 'Ca 2'
CL non-polymer 'CHLORIDE ION' 'Cl -1'
ZN non-polymer 'ZINC ION' 'Zn 2'
#
# COMPACT_ATOMS: atom_id res chain seq x y z
C ACE A 1 -16.99 11.88 -11.70
O ACE A 1 -16.31 12.48 -12.51
CH3 ACE A 1 -18.38 12.37 -11.35
N MET A 2 -16.54 10.79 -11.13
CA MET A 2 -15.12 10.47 -11.08
C MET A 2 -14.55 10.29 -12.48
N ASP A 3 -15.32 9.63 -13.35
CA ASP A 3 -14.88 9.39 -14.71
C ASP A 3 -14.71 10.70 -15.48
N VAL A 4 -15.65 11.63 -15.27
CA VAL A 4 -15.60 12.92 -15.94
C VAL A 4 -14.36 13.69 -15.52
N LEU A 5 -14.05 13.65 -14.23
CA LEU A 5 -12.89 14.35 -13.72
C LEU A 5 -11.62 13.79 -14.28
N TYR A 6 -11.58 12.50 -14.51
CA TYR A 6 -10.44 11.87 -15.06
C TYR A 6 -10.14 12.36 -16.45
N SER A 7 -11.16 12.47 -17.26
CA SER A 7 -11.09 12.94 -18.63
C SER A 7 -10.71 14.37 -18.79
N LEU A 8 -11.08 15.20 -17.86
CA LEU A 8 -10.75 16.58 -17.94
C LEU A 8 -9.29 16.66 -17.87
N SER A 9 -8.72 15.94 -16.94
CA SER A 9 -7.30 15.81 -16.68
C SER A 9 -6.53 15.17 -17.78
N LYS A 10 -7.11 14.13 -18.30
CA LYS A 10 -6.52 13.33 -19.34
C LYS A 10 -6.39 14.09 -20.63
N THR A 11 -7.40 14.88 -20.94
CA THR A 11 -7.40 15.81 -22.03
C THR A 11 -6.41 16.89 -21.85
N LEU A 12 -6.37 17.48 -20.68
CA LEU A 12 -5.43 18.53 -20.42
C LEU A 12 -4.03 18.05 -20.51
N LYS A 13 -3.77 16.85 -20.07
CA LYS A 13 -2.46 16.27 -20.18
C LYS A 13 -2.04 16.03 -21.57
N ASP A 14 -2.89 15.45 -22.39
CA ASP A 14 -2.62 15.25 -23.79
C ASP A 14 -2.47 16.54 -24.52
N ALA A 15 -3.26 17.53 -24.15
CA ALA A 15 -3.15 18.83 -24.79
C ALA A 15 -1.78 19.42 -24.58
N ARG A 16 -1.25 19.27 -23.36
CA ARG A 16 0.10 19.73 -23.03
C ARG A 16 1.23 19.01 -23.78
N ASP A 17 1.13 17.70 -23.90
CA ASP A 17 2.09 16.88 -24.63
C ASP A 17 2.03 17.06 -26.15
N LYS A 18 0.82 17.10 -26.65
CA LYS A 18 0.53 17.13 -28.06
C LYS A 18 0.56 18.46 -28.77
N ILE A 19 0.12 19.51 -28.15
CA ILE A 19 0.03 20.77 -28.85
C ILE A 19 1.33 21.52 -28.68
N VAL A 20 2.23 21.35 -29.63
CA VAL A 20 3.56 21.87 -29.50
C VAL A 20 3.80 22.59 -30.78
N GLU A 21 4.63 23.60 -30.78
CA GLU A 21 4.78 24.42 -31.95
C GLU A 21 5.47 23.68 -33.07
N GLY A 22 4.93 23.82 -34.26
CA GLY A 22 5.46 23.20 -35.45
C GLY A 22 4.96 21.84 -35.78
N THR A 23 4.05 21.30 -35.02
CA THR A 23 3.54 19.98 -35.25
C THR A 23 2.46 19.97 -36.34
N LEU A 24 2.35 18.89 -37.09
CA LEU A 24 1.32 18.73 -38.06
C LEU A 24 -0.02 18.69 -37.43
N TYR A 25 -1.00 19.31 -38.07
CA TYR A 25 -2.36 19.37 -37.53
C TYR A 25 -2.98 17.98 -37.38
N SER A 26 -2.61 17.07 -38.28
CA SER A 26 -3.16 15.73 -38.29
C SER A 26 -2.85 15.04 -36.97
N ASN A 27 -1.68 15.33 -36.42
CA ASN A 27 -1.27 14.72 -35.16
C ASN A 27 -2.24 15.07 -34.05
N VAL A 28 -2.73 16.31 -34.04
CA VAL A 28 -3.61 16.76 -32.99
C VAL A 28 -5.05 16.98 -33.37
N SER A 29 -5.50 16.56 -34.53
CA SER A 29 -6.85 16.87 -34.93
C SER A 29 -7.94 16.27 -34.09
N ASP A 30 -7.79 14.99 -33.75
CA ASP A 30 -8.75 14.31 -32.89
C ASP A 30 -8.74 14.96 -31.52
N LEU A 31 -7.54 15.31 -31.04
CA LEU A 31 -7.40 15.95 -29.75
C LEU A 31 -8.08 17.30 -29.70
N ILE A 32 -7.96 18.07 -30.79
CA ILE A 32 -8.56 19.40 -30.86
C ILE A 32 -10.08 19.29 -30.74
N GLN A 33 -10.63 18.26 -31.35
CA GLN A 33 -12.04 18.02 -31.27
C GLN A 33 -12.52 17.74 -29.89
N GLN A 34 -11.84 16.87 -29.16
CA GLN A 34 -12.10 16.60 -27.75
C GLN A 34 -11.86 17.80 -26.87
N PHE A 35 -10.81 18.54 -27.10
CA PHE A 35 -10.54 19.70 -26.30
C PHE A 35 -11.62 20.72 -26.43
N ASN A 36 -12.07 20.93 -27.65
CA ASN A 36 -13.18 21.84 -27.95
C ASN A 36 -14.49 21.44 -27.39
N GLN A 37 -14.79 20.16 -27.44
CA GLN A 37 -15.99 19.62 -26.86
C GLN A 37 -16.00 19.84 -25.37
N MET A 38 -14.84 19.74 -24.74
CA MET A 38 -14.69 20.03 -23.33
C MET A 38 -14.97 21.48 -23.00
N ILE A 39 -14.49 22.39 -23.85
CA ILE A 39 -14.79 23.80 -23.68
C ILE A 39 -16.28 24.10 -23.82
N ILE A 40 -16.94 23.48 -24.79
CA ILE A 40 -18.37 23.72 -24.99
C ILE A 40 -19.19 23.24 -23.80
N THR A 41 -18.86 22.05 -23.30
CA THR A 41 -19.54 21.49 -22.13
C THR A 41 -19.30 22.30 -20.86
N MET A 42 -18.07 22.76 -20.68
CA MET A 42 -17.70 23.50 -19.51
C MET A 42 -18.26 24.88 -19.43
N ASN A 43 -18.40 25.51 -20.56
CA ASN A 43 -18.71 26.91 -20.68
C ASN A 43 -20.04 27.27 -20.09
N GLY A 44 -20.09 28.35 -19.34
CA GLY A 44 -21.33 28.79 -18.75
C GLY A 44 -21.70 28.18 -17.43
N ASN A 45 -20.78 27.46 -16.81
CA ASN A 45 -21.03 26.82 -15.54
C ASN A 45 -20.15 27.44 -14.52
N GLU A 46 -20.64 27.52 -13.29
CA GLU A 46 -19.85 28.04 -12.19
C GLU A 46 -19.61 26.93 -11.17
N PHE A 47 -18.35 26.76 -10.77
CA PHE A 47 -17.97 25.74 -9.82
C PHE A 47 -17.30 26.36 -8.60
N GLN A 48 -17.71 25.93 -7.41
CA GLN A 48 -17.11 26.42 -6.16
C GLN A 48 -16.41 25.30 -5.41
N THR A 49 -15.18 25.55 -4.99
CA THR A 49 -14.39 24.55 -4.25
C THR A 49 -13.72 25.14 -3.02
N GLY A 50 -13.41 24.29 -2.05
CA GLY A 50 -12.71 24.71 -0.85
C GLY A 50 -13.57 25.20 0.29
N GLY A 51 -12.92 25.68 1.35
CA GLY A 51 -13.58 26.11 2.57
C GLY A 51 -13.60 25.08 3.69
N ILE A 52 -12.92 23.97 3.47
CA ILE A 52 -12.81 22.95 4.48
C ILE A 52 -11.39 23.09 4.96
N GLY A 53 -11.17 23.14 6.26
CA GLY A 53 -9.86 23.36 6.80
C GLY A 53 -9.26 24.66 6.35
N ASN A 54 -8.01 24.62 5.97
CA ASN A 54 -7.29 25.79 5.56
C ASN A 54 -7.34 26.01 4.09
N LEU A 55 -8.16 25.23 3.41
CA LEU A 55 -8.20 25.22 1.96
C LEU A 55 -9.06 26.36 1.51
N PRO A 56 -8.54 27.24 0.68
CA PRO A 56 -9.25 28.47 0.32
C PRO A 56 -10.46 28.25 -0.56
N ILE A 57 -11.48 29.09 -0.44
CA ILE A 57 -12.62 28.97 -1.32
C ILE A 57 -12.36 29.69 -2.64
N ARG A 58 -12.58 28.99 -3.73
CA ARG A 58 -12.33 29.50 -5.05
C ARG A 58 -13.58 29.36 -5.83
N ASN A 59 -13.82 30.31 -6.73
CA ASN A 59 -14.95 30.30 -7.62
C ASN A 59 -14.41 30.18 -9.00
N TRP A 60 -15.01 29.30 -9.80
CA TRP A 60 -14.50 29.00 -11.10
C TRP A 60 -15.54 29.29 -12.13
N ASN A 61 -15.12 30.02 -13.15
CA ASN A 61 -16.00 30.48 -14.18
C ASN A 61 -15.40 30.11 -15.50
N PHE A 62 -16.20 29.52 -16.39
CA PHE A 62 -15.70 29.14 -17.69
C PHE A 62 -16.34 29.90 -18.83
N ASP A 63 -15.57 30.72 -19.52
CA ASP A 63 -16.02 31.37 -20.75
C ASP A 63 -14.97 31.48 -21.87
N PHE A 64 -14.62 30.39 -22.52
CA PHE A 64 -13.47 30.35 -23.41
C PHE A 64 -13.88 30.11 -24.84
N GLY A 65 -13.10 30.64 -25.76
CA GLY A 65 -13.23 30.34 -27.16
C GLY A 65 -12.57 29.05 -27.53
N LEU A 66 -13.01 28.47 -28.63
CA LEU A 66 -12.51 27.24 -29.16
C LEU A 66 -11.16 27.41 -29.77
N LEU A 67 -10.50 26.32 -30.13
CA LEU A 67 -9.25 26.40 -30.84
C LEU A 67 -9.50 26.25 -32.32
N GLY A 68 -8.69 26.89 -33.12
CA GLY A 68 -8.81 26.85 -34.56
C GLY A 68 -8.43 25.53 -35.15
N THR A 69 -8.96 25.21 -36.31
CA THR A 69 -8.66 23.94 -36.95
C THR A 69 -8.12 24.06 -38.37
N THR A 70 -7.49 25.17 -38.70
CA THR A 70 -7.10 25.45 -40.07
C THR A 70 -5.62 25.42 -40.45
N LEU A 71 -4.72 25.51 -39.49
CA LEU A 71 -3.29 25.53 -39.75
C LEU A 71 -2.85 24.20 -40.26
N LEU A 72 -1.87 24.15 -41.15
CA LEU A 72 -1.18 22.92 -41.48
C LEU A 72 -0.24 22.34 -40.42
N ASN A 73 0.56 23.19 -39.81
CA ASN A 73 1.50 22.85 -38.76
C ASN A 73 1.18 23.87 -37.74
N LEU A 74 1.25 23.56 -36.46
CA LEU A 74 0.98 24.57 -35.44
C LEU A 74 2.07 25.57 -35.28
N ASP A 75 1.75 26.74 -34.77
CA ASP A 75 2.72 27.81 -34.70
C ASP A 75 2.74 28.37 -33.31
N ALA A 76 3.61 29.33 -33.08
CA ALA A 76 3.78 29.87 -31.77
C ALA A 76 2.52 30.53 -31.32
N ASN A 77 1.80 31.13 -32.24
CA ASN A 77 0.56 31.81 -31.93
C ASN A 77 -0.49 30.90 -31.41
N TYR A 78 -0.68 29.80 -32.10
CA TYR A 78 -1.69 28.82 -31.78
C TYR A 78 -1.43 28.25 -30.43
N VAL A 79 -0.16 27.95 -30.17
CA VAL A 79 0.25 27.36 -28.90
C VAL A 79 0.01 28.29 -27.71
N GLU A 80 0.28 29.58 -27.88
CA GLU A 80 0.09 30.55 -26.81
C GLU A 80 -1.38 30.67 -26.40
N THR A 81 -2.27 30.69 -27.39
CA THR A 81 -3.70 30.78 -27.12
C THR A 81 -4.19 29.55 -26.36
N ALA A 82 -3.66 28.40 -26.72
CA ALA A 82 -4.09 27.14 -26.20
C ALA A 82 -3.69 27.05 -24.78
N ARG A 83 -2.51 27.57 -24.48
CA ARG A 83 -1.93 27.48 -23.14
C ARG A 83 -2.76 28.21 -22.10
N ASN A 84 -3.30 29.37 -22.46
CA ASN A 84 -4.07 30.15 -21.51
C ASN A 84 -5.30 29.39 -21.05
N THR A 85 -5.98 28.74 -21.99
CA THR A 85 -7.12 27.89 -21.65
C THR A 85 -6.69 26.69 -20.80
N ILE A 86 -5.56 26.09 -21.16
CA ILE A 86 -5.07 24.90 -20.49
C ILE A 86 -4.72 25.20 -19.03
N ASP A 87 -4.12 26.36 -18.80
CA ASP A 87 -3.75 26.78 -17.49
C ASP A 87 -4.87 26.98 -16.54
N TYR A 88 -5.90 27.67 -16.96
CA TYR A 88 -7.02 27.88 -16.11
C TYR A 88 -7.65 26.57 -15.79
N PHE A 89 -7.76 25.71 -16.78
CA PHE A 89 -8.32 24.40 -16.62
C PHE A 89 -7.51 23.48 -15.74
N VAL A 90 -6.20 23.51 -15.82
CA VAL A 90 -5.36 22.68 -15.00
C VAL A 90 -5.50 23.06 -13.55
N ASP A 91 -5.63 24.34 -13.28
CA ASP A 91 -5.83 24.86 -11.95
C ASP A 91 -7.13 24.44 -11.32
N PHE A 92 -8.20 24.46 -12.08
CA PHE A 92 -9.50 24.05 -11.61
C PHE A 92 -9.50 22.60 -11.26
N VAL A 93 -8.94 21.79 -12.13
CA VAL A 93 -8.94 20.36 -11.93
C VAL A 93 -8.15 20.06 -10.70
N ASP A 94 -7.05 20.75 -10.53
CA ASP A 94 -6.18 20.51 -9.42
C ASP A 94 -6.90 20.73 -8.14
N ASN A 95 -7.59 21.85 -8.07
CA ASN A 95 -8.43 22.20 -6.95
C ASN A 95 -9.61 21.31 -6.70
N VAL A 96 -10.26 20.86 -7.74
CA VAL A 96 -11.38 19.96 -7.61
C VAL A 96 -10.88 18.70 -7.00
N CYS A 97 -9.73 18.24 -7.42
CA CYS A 97 -9.15 17.05 -6.86
C CYS A 97 -8.80 17.17 -5.41
N MET A 98 -8.17 18.26 -5.04
CA MET A 98 -7.77 18.51 -3.68
C MET A 98 -8.94 18.58 -2.76
N ASP A 99 -10.00 19.17 -3.23
CA ASP A 99 -11.22 19.25 -2.48
C ASP A 99 -11.82 17.90 -2.23
N GLU A 100 -11.79 17.03 -3.21
CA GLU A 100 -12.22 15.66 -3.08
C GLU A 100 -11.36 14.85 -2.13
N MET A 101 -10.06 15.06 -2.15
CA MET A 101 -9.09 14.29 -1.41
C MET A 101 -9.26 14.39 0.08
N VAL A 102 -9.78 15.49 0.55
CA VAL A 102 -9.81 15.82 1.96
C VAL A 102 -11.11 15.53 2.65
N ARG A 103 -12.02 14.84 2.01
CA ARG A 103 -13.33 14.63 2.55
C ARG A 103 -13.51 13.17 2.69
N GLU A 104 -14.46 12.75 3.51
CA GLU A 104 -14.80 11.35 3.59
C GLU A 104 -16.15 11.17 4.19
N SER A 105 -16.79 10.06 3.92
CA SER A 105 -18.12 9.82 4.42
C SER A 105 -18.21 8.44 5.02
N GLN A 106 -18.82 8.32 6.19
CA GLN A 106 -19.08 6.97 6.69
C GLN A 106 -20.12 6.21 5.85
N ARG A 107 -21.26 6.86 5.60
CA ARG A 107 -22.39 6.23 4.88
C ARG A 107 -22.22 5.84 3.41
N ASN A 108 -21.70 6.76 2.61
CA ASN A 108 -21.51 6.54 1.18
C ASN A 108 -20.12 6.95 0.72
N GLY A 109 -19.12 6.15 1.05
CA GLY A 109 -17.74 6.50 0.75
C GLY A 109 -17.43 6.61 -0.72
N ILE A 110 -18.00 5.71 -1.51
CA ILE A 110 -17.74 5.68 -2.95
C ILE A 110 -18.23 6.94 -3.70
N ALA A 111 -19.40 7.45 -3.32
CA ALA A 111 -19.97 8.62 -3.97
C ALA A 111 -19.10 9.85 -3.75
N PRO A 112 -19.08 10.80 -4.80
CA PRO A 112 -18.14 11.91 -4.57
C PRO A 112 -18.64 12.89 -3.52
N GLN A 113 -17.81 13.15 -2.51
CA GLN A 113 -18.12 14.11 -1.46
C GLN A 113 -18.20 15.56 -1.90
N SER A 114 -17.26 15.97 -2.76
CA SER A 114 -17.10 17.37 -3.14
C SER A 114 -18.27 17.92 -3.95
N ASP A 115 -18.60 19.19 -3.70
CA ASP A 115 -19.69 19.84 -4.42
C ASP A 115 -19.38 19.91 -5.90
N SER A 116 -18.13 20.21 -6.23
CA SER A 116 -17.69 20.29 -7.62
C SER A 116 -17.80 18.94 -8.32
N LEU A 117 -17.44 17.88 -7.62
CA LEU A 117 -17.50 16.56 -8.20
C LEU A 117 -18.91 16.09 -8.37
N ILE A 118 -19.77 16.49 -7.44
CA ILE A 118 -21.18 16.16 -7.50
C ILE A 118 -21.84 16.81 -8.72
N LYS A 119 -21.47 18.06 -8.99
CA LYS A 119 -22.01 18.79 -10.12
C LYS A 119 -21.61 18.16 -11.45
N LEU A 120 -20.36 17.72 -11.53
CA LEU A 120 -19.83 17.11 -12.74
C LEU A 120 -20.54 15.80 -13.07
N SER A 121 -20.88 15.04 -12.05
CA SER A 121 -21.47 13.73 -12.25
C SER A 121 -22.87 13.82 -12.76
N GLY A 122 -23.32 15.05 -13.01
CA GLY A 122 -24.58 15.32 -13.63
C GLY A 122 -24.55 14.97 -15.09
N ILE A 123 -25.74 14.86 -15.69
CA ILE A 123 -25.91 14.29 -17.03
C ILE A 123 -25.24 15.02 -18.19
N LYS A 124 -25.28 16.36 -18.18
CA LYS A 124 -24.84 17.13 -19.33
C LYS A 124 -23.36 16.94 -19.66
N PHE A 125 -22.56 16.82 -18.60
CA PHE A 125 -21.10 16.75 -18.63
C PHE A 125 -20.55 15.43 -19.16
N LYS A 126 -21.42 14.45 -19.32
CA LYS A 126 -20.99 13.08 -19.64
C LYS A 126 -20.23 13.05 -20.96
N ARG A 127 -20.47 14.08 -21.77
CA ARG A 127 -19.89 14.22 -23.11
C ARG A 127 -18.37 14.33 -23.07
N ILE A 128 -17.85 14.95 -22.05
CA ILE A 128 -16.44 15.18 -21.88
C ILE A 128 -15.74 13.86 -21.78
N ASN A 129 -16.45 12.83 -21.37
CA ASN A 129 -15.83 11.59 -21.00
C ASN A 129 -15.11 10.95 -22.13
N PHE A 130 -13.85 10.59 -21.92
CA PHE A 130 -13.09 9.92 -22.91
C PHE A 130 -11.98 9.05 -22.37
N ASP A 131 -11.65 7.97 -23.07
CA ASP A 131 -10.37 7.27 -22.89
C ASP A 131 -9.89 6.83 -21.49
N ASN A 132 -10.70 6.09 -20.74
CA ASN A 132 -10.32 5.74 -19.38
C ASN A 132 -9.36 4.54 -19.29
N SER A 133 -8.10 4.77 -19.66
CA SER A 133 -7.11 3.69 -19.74
C SER A 133 -6.17 3.47 -18.55
N SER A 134 -6.24 4.31 -17.53
CA SER A 134 -5.34 4.21 -16.37
C SER A 134 -5.66 3.02 -15.47
N GLU A 135 -4.66 2.53 -14.73
CA GLU A 135 -4.87 1.41 -13.83
C GLU A 135 -5.89 1.77 -12.74
N TYR A 136 -5.81 2.97 -12.19
CA TYR A 136 -6.81 3.42 -11.27
C TYR A 136 -8.18 3.69 -11.81
N ILE A 137 -8.30 4.38 -12.93
CA ILE A 137 -9.60 4.58 -13.55
C ILE A 137 -10.22 3.29 -14.03
N GLU A 138 -9.45 2.42 -14.64
CA GLU A 138 -9.97 1.16 -15.13
C GLU A 138 -10.54 0.34 -14.02
N ASN A 139 -9.87 0.32 -12.89
CA ASN A 139 -10.33 -0.33 -11.70
C ASN A 139 -11.55 0.29 -11.13
N TRP A 140 -11.63 1.61 -11.24
CA TRP A 140 -12.82 2.33 -10.81
C TRP A 140 -14.03 1.94 -11.66
N ASN A 141 -13.82 1.83 -12.96
CA ASN A 141 -14.90 1.47 -13.87
C ASN A 141 -15.44 0.07 -13.62
N LEU A 142 -14.52 -0.86 -13.40
CA LEU A 142 -14.88 -2.26 -13.17
C LEU A 142 -15.67 -2.44 -11.88
N GLN A 143 -15.29 -1.72 -10.83
CA GLN A 143 -15.96 -1.86 -9.54
C GLN A 143 -17.42 -1.45 -9.64
N ASN A 144 -17.71 -0.38 -10.37
CA ASN A 144 -19.09 0.04 -10.59
C ASN A 144 -19.82 -1.06 -11.35
N ARG A 145 -19.21 -1.76 -12.25
CA ARG A 145 -19.93 -2.78 -12.91
C ARG A 145 -19.92 -4.05 -12.15
N ARG A 146 -19.31 -4.03 -10.99
CA ARG A 146 -19.10 -5.19 -10.14
C ARG A 146 -18.35 -6.32 -10.76
N GLN A 147 -17.29 -6.02 -11.47
CA GLN A 147 -16.42 -7.01 -12.05
C GLN A 147 -15.15 -7.15 -11.29
N ARG A 148 -14.38 -8.17 -11.58
CA ARG A 148 -13.15 -8.35 -10.82
C ARG A 148 -12.05 -7.37 -11.21
N THR A 149 -11.30 -6.92 -10.22
CA THR A 149 -10.26 -5.90 -10.36
C THR A 149 -9.02 -6.31 -9.57
N GLY A 150 -7.88 -5.74 -9.92
CA GLY A 150 -6.69 -6.02 -9.19
C GLY A 150 -5.76 -4.91 -9.39
N PHE A 151 -5.00 -4.56 -8.37
CA PHE A 151 -3.99 -3.54 -8.45
C PHE A 151 -2.72 -4.31 -8.26
N THR A 152 -1.62 -3.90 -8.82
CA THR A 152 -0.40 -4.64 -8.75
C THR A 152 0.57 -3.82 -7.96
N PHE A 153 1.18 -4.41 -6.95
CA PHE A 153 2.02 -3.66 -6.07
C PHE A 153 3.38 -4.26 -6.08
N HIS A 154 4.38 -3.42 -5.96
CA HIS A 154 5.71 -3.88 -5.79
C HIS A 154 5.88 -3.59 -4.34
N LYS A 155 6.27 -4.58 -3.56
CA LYS A 155 6.38 -4.41 -2.14
C LYS A 155 5.10 -3.94 -1.51
N PRO A 156 4.07 -4.76 -1.52
CA PRO A 156 2.78 -4.29 -1.01
C PRO A 156 2.94 -3.92 0.42
N ASN A 157 2.24 -2.91 0.93
CA ASN A 157 2.28 -2.60 2.33
C ASN A 157 1.15 -3.31 3.03
N ILE A 158 1.33 -4.56 3.40
CA ILE A 158 0.22 -5.30 3.89
C ILE A 158 0.23 -5.70 5.37
N PHE A 159 1.37 -5.63 6.02
CA PHE A 159 1.46 -6.10 7.39
C PHE A 159 1.53 -4.88 8.24
N PRO A 160 0.59 -4.66 9.14
CA PRO A 160 0.65 -3.46 9.97
C PRO A 160 1.86 -3.60 10.85
N TYR A 161 2.52 -2.52 11.23
CA TYR A 161 3.73 -2.69 11.96
C TYR A 161 3.41 -3.25 13.32
N SER A 162 4.01 -4.37 13.64
CA SER A 162 4.01 -4.84 14.98
C SER A 162 5.26 -5.61 15.24
N ALA A 163 5.88 -5.38 16.38
CA ALA A 163 7.00 -6.15 16.88
C ALA A 163 6.57 -6.70 18.21
N SER A 164 6.84 -7.96 18.47
CA SER A 164 6.37 -8.59 19.68
C SER A 164 7.17 -9.84 19.91
N PHE A 165 6.88 -10.52 21.01
CA PHE A 165 7.41 -11.82 21.32
C PHE A 165 6.38 -12.55 22.11
N THR A 166 6.49 -13.86 22.19
CA THR A 166 5.68 -14.64 23.08
C THR A 166 6.59 -15.57 23.85
N LEU A 167 6.43 -15.71 25.15
CA LEU A 167 7.25 -16.67 25.87
C LEU A 167 6.48 -17.94 26.11
N ASN A 168 6.86 -19.00 25.42
CA ASN A 168 6.26 -20.31 25.63
C ASN A 168 6.55 -21.02 26.95
N ARG A 169 7.79 -20.87 27.42
CA ARG A 169 8.18 -21.26 28.75
C ARG A 169 8.79 -20.05 29.42
N SER A 170 8.34 -19.74 30.62
CA SER A 170 8.81 -18.52 31.29
C SER A 170 9.12 -18.72 32.76
N GLN A 171 10.10 -17.96 33.24
CA GLN A 171 10.47 -17.97 34.64
C GLN A 171 10.65 -16.54 35.12
N PRO A 172 10.38 -16.31 36.48
CA PRO A 172 10.61 -14.91 36.89
C PRO A 172 12.06 -14.53 36.67
N ALA A 173 12.96 -15.46 36.96
CA ALA A 173 14.36 -15.26 36.71
C ALA A 173 14.54 -14.83 35.28
N HIS A 174 13.68 -15.32 34.41
CA HIS A 174 13.79 -15.04 33.01
C HIS A 174 15.15 -15.48 32.53
N ASP A 175 15.57 -16.66 32.99
CA ASP A 175 16.87 -17.20 32.68
C ASP A 175 16.85 -18.50 31.91
N ASN A 176 15.67 -19.09 31.72
CA ASN A 176 15.53 -20.29 30.93
C ASN A 176 14.28 -20.22 30.07
N LEU A 177 14.37 -19.51 28.94
CA LEU A 177 13.19 -19.16 28.15
C LEU A 177 13.21 -19.68 26.72
N MET A 178 12.08 -20.26 26.29
CA MET A 178 11.87 -20.57 24.88
C MET A 178 10.67 -19.77 24.38
N GLY A 179 10.89 -18.95 23.37
CA GLY A 179 9.84 -18.12 22.80
C GLY A 179 10.17 -17.67 21.39
N THR A 180 9.16 -17.22 20.65
CA THR A 180 9.44 -16.70 19.32
C THR A 180 9.40 -15.22 19.47
N MET A 181 10.15 -14.51 18.64
CA MET A 181 9.97 -13.07 18.50
C MET A 181 9.91 -12.73 17.04
N TRP A 182 9.14 -11.70 16.72
CA TRP A 182 8.90 -11.32 15.34
C TRP A 182 8.94 -9.85 15.10
N LEU A 183 9.14 -9.48 13.85
CA LEU A 183 8.80 -8.17 13.33
C LEU A 183 7.94 -8.35 12.11
N ASN A 184 6.77 -7.74 12.06
CA ASN A 184 6.04 -7.64 10.80
C ASN A 184 5.98 -6.18 10.42
N ALA A 185 6.65 -5.78 9.36
CA ALA A 185 6.53 -4.42 8.89
C ALA A 185 6.53 -4.37 7.40
N GLY A 186 5.65 -3.55 6.83
CA GLY A 186 5.53 -3.48 5.39
C GLY A 186 5.20 -4.81 4.77
N SER A 187 5.97 -5.18 3.80
CA SER A 187 5.86 -6.44 3.12
C SER A 187 6.77 -7.51 3.66
N GLU A 188 7.43 -7.23 4.78
CA GLU A 188 8.44 -8.13 5.30
C GLU A 188 8.04 -8.77 6.63
N ILE A 189 8.19 -10.09 6.71
CA ILE A 189 7.96 -10.81 7.95
C ILE A 189 9.25 -11.48 8.39
N GLN A 190 9.65 -11.23 9.64
CA GLN A 190 10.80 -11.92 10.21
C GLN A 190 10.39 -12.64 11.48
N VAL A 191 10.68 -13.94 11.55
CA VAL A 191 10.32 -14.73 12.72
C VAL A 191 11.54 -15.47 13.28
N ALA A 192 11.72 -15.39 14.60
CA ALA A 192 12.81 -16.09 15.26
C ALA A 192 12.31 -16.97 16.41
N GLY A 193 12.80 -18.21 16.46
CA GLY A 193 12.48 -19.10 17.55
C GLY A 193 13.70 -19.36 18.40
N PHE A 194 13.59 -19.20 19.70
CA PHE A 194 14.73 -19.38 20.61
C PHE A 194 14.52 -20.30 21.80
N ASP A 195 15.51 -21.14 22.10
CA ASP A 195 15.51 -21.98 23.32
C ASP A 195 16.72 -21.77 24.18
N TYR A 196 16.55 -21.26 25.40
CA TYR A 196 17.68 -21.10 26.30
C TYR A 196 18.32 -22.44 26.64
N SER A 197 17.48 -23.45 26.84
CA SER A 197 17.94 -24.81 27.07
C SER A 197 18.69 -25.36 25.84
N CYS A 198 18.26 -25.00 24.66
CA CYS A 198 18.78 -25.58 23.44
C CYS A 198 18.17 -26.94 23.23
N ALA A 199 17.09 -27.22 23.94
CA ALA A 199 16.35 -28.42 23.69
C ALA A 199 17.04 -29.67 24.17
N ILE A 200 17.95 -29.53 25.12
CA ILE A 200 18.58 -30.70 25.68
C ILE A 200 17.54 -31.57 26.41
N ASN A 201 16.66 -30.94 27.15
CA ASN A 201 15.50 -31.62 27.71
C ASN A 201 14.46 -32.15 26.74
N ALA A 202 14.23 -31.41 25.66
CA ALA A 202 13.04 -31.56 24.83
C ALA A 202 12.88 -32.92 24.17
N PRO A 203 11.64 -33.42 24.13
CA PRO A 203 11.43 -34.76 23.58
C PRO A 203 11.89 -34.79 22.14
N ALA A 204 12.69 -35.78 21.80
CA ALA A 204 13.22 -35.94 20.46
C ALA A 204 14.39 -34.99 20.23
N ASN A 205 14.75 -34.23 21.25
CA ASN A 205 15.83 -33.25 21.12
C ASN A 205 15.51 -32.12 20.16
N THR A 206 14.22 -31.94 19.89
CA THR A 206 13.76 -31.05 18.85
C THR A 206 12.77 -30.06 19.45
N GLN A 207 12.80 -28.81 18.99
CA GLN A 207 11.84 -27.84 19.48
C GLN A 207 11.12 -27.22 18.30
N GLN A 208 9.79 -27.18 18.36
CA GLN A 208 8.98 -26.76 17.24
C GLN A 208 8.34 -25.38 17.45
N PHE A 209 8.57 -24.48 16.51
CA PHE A 209 8.01 -23.15 16.56
C PHE A 209 7.03 -22.91 15.43
N GLU A 210 6.04 -22.07 15.68
CA GLU A 210 5.13 -21.60 14.65
C GLU A 210 4.89 -20.10 14.75
N HIS A 211 4.82 -19.44 13.61
CA HIS A 211 4.30 -18.09 13.52
C HIS A 211 3.14 -18.12 12.58
N ILE A 212 2.01 -17.58 12.95
CA ILE A 212 0.91 -17.41 12.00
C ILE A 212 0.62 -15.95 11.81
N VAL A 213 0.60 -15.52 10.56
CA VAL A 213 0.27 -14.14 10.21
C VAL A 213 -0.97 -14.13 9.36
N GLN A 214 -1.95 -13.32 9.72
CA GLN A 214 -3.17 -13.23 8.95
C GLN A 214 -3.27 -11.88 8.28
N LEU A 215 -3.35 -11.83 6.96
CA LEU A 215 -3.51 -10.55 6.26
C LEU A 215 -4.91 -10.01 6.15
N ARG A 216 -5.02 -8.70 6.12
CA ARG A 216 -6.29 -8.00 6.04
C ARG A 216 -7.06 -8.21 4.75
N ARG A 217 -6.35 -8.42 3.66
CA ARG A 217 -6.93 -8.56 2.35
C ARG A 217 -6.26 -9.74 1.66
N VAL A 218 -6.99 -10.42 0.77
CA VAL A 218 -6.43 -11.50 -0.03
C VAL A 218 -5.42 -11.01 -1.07
N LEU A 219 -4.38 -11.81 -1.30
CA LEU A 219 -3.34 -11.47 -2.27
C LEU A 219 -3.19 -12.58 -3.31
N THR A 220 -3.00 -12.20 -4.58
CA THR A 220 -2.89 -13.18 -5.65
C THR A 220 -1.63 -13.01 -6.51
N THR A 221 -1.06 -14.12 -6.92
CA THR A 221 0.11 -14.15 -7.80
C THR A 221 1.29 -13.37 -7.23
N ALA A 222 1.48 -13.46 -5.93
CA ALA A 222 2.61 -12.81 -5.26
C ALA A 222 3.94 -13.50 -5.54
N THR A 223 5.01 -12.72 -5.52
CA THR A 223 6.36 -13.26 -5.60
C THR A 223 7.05 -12.96 -4.28
N ILE A 224 7.61 -13.99 -3.66
CA ILE A 224 8.17 -13.85 -2.32
C ILE A 224 9.55 -14.47 -2.17
N THR A 225 10.34 -13.94 -1.23
CA THR A 225 11.63 -14.51 -0.91
C THR A 225 11.64 -15.01 0.51
N LEU A 226 12.11 -16.23 0.69
CA LEU A 226 12.29 -16.85 1.97
C LEU A 226 13.77 -17.02 2.19
N LEU A 227 14.28 -16.54 3.31
CA LEU A 227 15.69 -16.70 3.62
C LEU A 227 15.85 -17.36 4.98
N PRO A 228 16.78 -18.43 5.03
CA PRO A 228 16.93 -18.99 6.38
C PRO A 228 17.57 -17.99 7.31
N ASP A 229 17.10 -17.91 8.55
CA ASP A 229 17.70 -17.04 9.55
C ASP A 229 17.07 -15.66 9.56
N ALA A 230 17.14 -14.98 10.70
CA ALA A 230 16.69 -13.60 10.79
C ALA A 230 17.84 -12.72 11.23
N GLU A 231 18.19 -11.74 10.42
CA GLU A 231 19.26 -10.82 10.77
C GLU A 231 18.91 -10.01 12.00
N ARG A 232 17.65 -9.63 12.10
CA ARG A 232 17.18 -8.75 13.15
C ARG A 232 17.34 -9.31 14.56
N PHE A 233 17.11 -10.61 14.72
CA PHE A 233 17.10 -11.20 16.03
C PHE A 233 18.32 -12.00 16.32
N SER A 234 19.40 -11.65 15.67
CA SER A 234 20.61 -12.41 15.78
C SER A 234 21.67 -11.74 16.62
N PHE A 235 21.33 -10.66 17.29
CA PHE A 235 22.32 -9.98 18.09
C PHE A 235 21.79 -9.82 19.48
N PRO A 236 22.76 -9.66 20.48
CA PRO A 236 22.22 -9.64 21.86
C PRO A 236 21.42 -8.40 22.24
N ARG A 237 20.26 -8.56 22.88
CA ARG A 237 19.42 -7.43 23.34
C ARG A 237 18.93 -7.52 24.78
N VAL A 238 18.71 -6.39 25.42
CA VAL A 238 18.02 -6.33 26.69
C VAL A 238 16.59 -5.94 26.34
N ILE A 239 15.63 -6.73 26.78
CA ILE A 239 14.26 -6.57 26.35
C ILE A 239 13.31 -6.25 27.49
N THR A 240 12.44 -5.28 27.30
CA THR A 240 11.50 -4.89 28.32
C THR A 240 10.60 -6.08 28.37
N SER A 241 9.66 -6.13 29.29
CA SER A 241 8.92 -7.36 29.57
C SER A 241 7.43 -7.23 29.40
N ALA A 242 6.77 -8.36 29.22
CA ALA A 242 5.40 -8.32 28.77
C ALA A 242 4.55 -7.55 29.75
N ASP A 243 4.73 -7.83 31.03
CA ASP A 243 4.04 -7.10 32.09
C ASP A 243 4.46 -5.65 32.05
N GLY A 244 5.71 -5.44 31.63
CA GLY A 244 6.38 -4.17 31.67
C GLY A 244 7.19 -3.94 32.93
N ALA A 245 7.12 -4.87 33.87
CA ALA A 245 7.82 -4.74 35.15
C ALA A 245 9.36 -4.78 35.15
N THR A 246 9.93 -5.71 34.41
CA THR A 246 11.37 -6.00 34.49
C THR A 246 11.96 -6.14 33.08
N THR A 247 13.23 -6.45 32.94
CA THR A 247 13.81 -6.68 31.63
C THR A 247 14.61 -7.94 31.56
N TRP A 248 14.39 -8.80 30.58
CA TRP A 248 15.28 -9.93 30.39
C TRP A 248 16.48 -9.68 29.53
N TYR A 249 17.27 -10.72 29.32
CA TYR A 249 18.44 -10.64 28.49
C TYR A 249 18.42 -11.74 27.47
N PHE A 250 18.67 -11.39 26.22
CA PHE A 250 18.65 -12.34 25.14
C PHE A 250 20.01 -12.34 24.54
N ASN A 251 20.64 -13.49 24.50
CA ASN A 251 21.89 -13.63 23.80
C ASN A 251 21.78 -14.84 22.93
N PRO A 252 21.94 -14.63 21.55
CA PRO A 252 21.63 -15.81 20.75
C PRO A 252 22.80 -16.42 20.02
N VAL A 253 22.72 -17.71 19.77
CA VAL A 253 23.65 -18.34 18.87
C VAL A 253 22.75 -18.96 17.83
N ILE A 254 23.14 -18.91 16.58
CA ILE A 254 22.23 -19.14 15.48
C ILE A 254 22.49 -20.45 14.79
N LEU A 255 21.47 -21.26 14.65
CA LEU A 255 21.59 -22.58 14.08
C LEU A 255 20.59 -22.72 12.96
N ARG A 256 20.88 -23.51 11.94
CA ARG A 256 20.00 -23.57 10.81
C ARG A 256 18.66 -24.09 11.18
N PRO A 257 17.57 -23.48 10.74
CA PRO A 257 16.25 -23.94 11.14
C PRO A 257 16.02 -25.27 10.49
N ASN A 258 15.11 -26.07 11.02
CA ASN A 258 15.00 -27.43 10.59
C ASN A 258 13.61 -27.74 10.19
N ASN A 259 13.45 -28.56 9.19
CA ASN A 259 12.14 -29.00 8.83
C ASN A 259 11.22 -27.81 8.64
N VAL A 260 11.70 -26.81 7.91
CA VAL A 260 10.91 -25.63 7.62
C VAL A 260 9.77 -25.92 6.67
N GLU A 261 8.61 -25.36 6.96
CA GLU A 261 7.51 -25.35 6.03
C GLU A 261 6.93 -23.99 6.00
N ILE A 262 6.47 -23.55 4.84
CA ILE A 262 5.61 -22.39 4.74
C ILE A 262 4.33 -22.82 4.09
N GLU A 263 3.22 -22.37 4.62
CA GLU A 263 1.92 -22.72 4.12
C GLU A 263 1.19 -21.44 3.83
N PHE A 264 0.56 -21.38 2.67
CA PHE A 264 -0.21 -20.22 2.32
C PHE A 264 -1.62 -20.69 2.24
N LEU A 265 -2.51 -20.09 3.01
CA LEU A 265 -3.86 -20.58 3.20
C LEU A 265 -4.93 -19.57 2.87
N LEU A 266 -6.03 -20.04 2.30
CA LEU A 266 -7.17 -19.19 2.03
C LEU A 266 -8.37 -19.89 2.56
N ASN A 267 -9.02 -19.31 3.57
CA ASN A 267 -10.10 -19.95 4.29
C ASN A 267 -9.67 -21.23 4.98
N GLY A 268 -8.44 -21.28 5.41
CA GLY A 268 -7.92 -22.47 6.04
C GLY A 268 -7.96 -23.70 5.18
N GLN A 269 -7.65 -23.58 3.90
CA GLN A 269 -7.29 -24.71 3.10
C GLN A 269 -5.92 -24.34 2.65
N ILE A 270 -4.97 -25.26 2.69
CA ILE A 270 -3.65 -24.91 2.28
C ILE A 270 -3.78 -24.78 0.80
N ILE A 271 -3.33 -23.66 0.26
CA ILE A 271 -3.29 -23.52 -1.17
C ILE A 271 -1.91 -23.87 -1.64
N ASN A 272 -0.88 -23.34 -1.01
CA ASN A 272 0.48 -23.58 -1.42
C ASN A 272 1.32 -23.98 -0.27
N THR A 273 2.11 -25.02 -0.41
CA THR A 273 2.98 -25.43 0.66
C THR A 273 4.39 -25.68 0.19
N TYR A 274 5.37 -25.06 0.83
CA TYR A 274 6.76 -25.18 0.43
C TYR A 274 7.62 -25.71 1.54
N GLN A 275 8.34 -26.79 1.32
CA GLN A 275 9.16 -27.37 2.38
C GLN A 275 10.64 -27.35 2.11
N ALA A 276 11.40 -26.73 2.99
CA ALA A 276 12.84 -26.64 2.85
C ALA A 276 13.23 -25.98 1.55
N ARG A 277 12.52 -24.92 1.20
CA ARG A 277 12.72 -24.22 -0.04
C ARG A 277 13.10 -22.83 0.28
N PHE A 278 14.20 -22.35 -0.25
CA PHE A 278 14.57 -20.98 -0.03
C PHE A 278 14.85 -20.31 -1.34
N GLY A 279 14.84 -19.00 -1.35
CA GLY A 279 14.80 -18.24 -2.58
C GLY A 279 13.38 -17.87 -2.95
N THR A 280 13.15 -17.57 -4.20
CA THR A 280 11.87 -17.15 -4.68
C THR A 280 10.86 -18.27 -4.75
N ILE A 281 9.65 -18.03 -4.25
CA ILE A 281 8.57 -18.98 -4.32
C ILE A 281 7.32 -18.24 -4.70
N ILE A 282 6.32 -18.90 -5.25
CA ILE A 282 5.11 -18.22 -5.66
C ILE A 282 3.94 -18.66 -4.83
N ALA A 283 3.18 -17.71 -4.29
CA ALA A 283 1.88 -18.04 -3.69
C ALA A 283 0.76 -17.48 -4.56
N ARG A 284 0.03 -18.35 -5.26
CA ARG A 284 -1.04 -17.87 -6.13
C ARG A 284 -2.25 -17.19 -5.46
N ASN A 285 -2.75 -17.76 -4.38
CA ASN A 285 -3.88 -17.18 -3.64
C ASN A 285 -3.70 -17.41 -2.14
N PHE A 286 -3.74 -16.36 -1.33
CA PHE A 286 -3.70 -16.56 0.12
C PHE A 286 -4.23 -15.42 0.98
N ASP A 287 -4.73 -15.74 2.16
CA ASP A 287 -5.06 -14.74 3.17
C ASP A 287 -4.33 -14.95 4.51
N THR A 288 -3.60 -16.06 4.63
CA THR A 288 -2.85 -16.35 5.85
C THR A 288 -1.53 -16.98 5.48
N ILE A 289 -0.46 -16.68 6.20
CA ILE A 289 0.77 -17.45 6.09
C ILE A 289 1.05 -18.11 7.42
N ARG A 290 1.23 -19.42 7.48
CA ARG A 290 1.81 -20.03 8.66
C ARG A 290 3.20 -20.58 8.42
N LEU A 291 4.19 -20.06 9.12
CA LEU A 291 5.56 -20.55 9.02
C LEU A 291 5.87 -21.51 10.14
N SER A 292 6.35 -22.70 9.81
CA SER A 292 6.80 -23.67 10.81
C SER A 292 8.26 -24.01 10.66
N PHE A 293 8.99 -23.97 11.76
CA PHE A 293 10.38 -24.34 11.76
C PHE A 293 10.69 -25.03 13.09
N GLN A 294 11.78 -25.79 13.17
CA GLN A 294 12.12 -26.52 14.39
C GLN A 294 13.54 -26.24 14.82
N LEU A 295 13.81 -26.30 16.11
CA LEU A 295 15.19 -26.25 16.59
C LEU A 295 15.67 -27.64 16.93
N MET A 296 16.76 -28.05 16.32
CA MET A 296 17.26 -29.37 16.54
C MET A 296 18.63 -29.31 17.17
N ARG A 297 18.79 -29.94 18.33
CA ARG A 297 20.09 -30.00 18.98
C ARG A 297 21.08 -30.77 18.13
N PRO A 298 22.32 -30.32 18.05
CA PRO A 298 23.23 -31.01 17.15
C PRO A 298 23.69 -32.33 17.73
N PRO A 299 23.52 -33.43 17.03
CA PRO A 299 23.94 -34.70 17.61
C PRO A 299 25.43 -34.73 17.87
N ASN A 300 26.22 -34.18 16.97
CA ASN A 300 27.66 -34.14 17.12
C ASN A 300 28.12 -32.72 17.25
N MET A 301 28.98 -32.45 18.22
CA MET A 301 29.51 -31.12 18.43
C MET A 301 31.02 -31.15 18.62
N THR A 302 31.73 -30.26 17.97
CA THR A 302 33.16 -30.15 18.21
C THR A 302 33.27 -29.55 19.58
N PRO A 303 34.48 -29.45 20.11
CA PRO A 303 34.67 -29.02 21.49
C PRO A 303 34.18 -27.61 21.75
N ALA A 304 34.44 -26.68 20.85
CA ALA A 304 33.95 -25.31 21.06
C ALA A 304 32.44 -25.23 21.07
N VAL A 305 31.78 -26.02 20.23
CA VAL A 305 30.33 -26.05 20.23
C VAL A 305 29.76 -26.59 21.53
N ALA A 306 30.38 -27.64 22.03
CA ALA A 306 29.93 -28.36 23.21
C ALA A 306 29.95 -27.46 24.44
N ALA A 307 30.92 -26.56 24.48
CA ALA A 307 31.01 -25.60 25.54
C ALA A 307 29.80 -24.69 25.54
N LEU A 308 29.29 -24.35 24.37
CA LEU A 308 28.16 -23.43 24.23
C LEU A 308 26.90 -23.92 24.88
N PHE A 309 26.56 -25.17 24.64
CA PHE A 309 25.36 -25.70 25.25
C PHE A 309 25.74 -26.72 26.30
N PRO A 310 25.37 -26.35 27.61
CA PRO A 310 25.71 -27.33 28.62
C PRO A 310 24.47 -27.83 29.33
N ASN A 311 24.54 -28.96 30.01
CA ASN A 311 23.38 -29.69 30.53
C ASN A 311 22.45 -29.05 31.55
N ALA A 312 22.94 -28.17 32.41
CA ALA A 312 22.06 -27.46 33.31
C ALA A 312 22.45 -25.99 33.40
N GLN A 313 21.54 -25.14 33.86
CA GLN A 313 21.78 -23.72 33.87
C GLN A 313 22.93 -23.42 34.82
N PRO A 314 23.63 -22.19 34.78
CA PRO A 314 23.10 -21.20 33.82
C PRO A 314 23.56 -21.40 32.38
N PHE A 315 22.72 -21.03 31.43
CA PHE A 315 23.12 -21.05 30.03
C PHE A 315 23.48 -19.64 29.58
N GLU A 316 24.73 -19.45 29.17
CA GLU A 316 25.18 -18.19 28.61
C GLU A 316 24.66 -17.81 27.23
N HIS A 317 24.57 -18.78 26.33
CA HIS A 317 24.23 -18.54 24.93
C HIS A 317 22.97 -19.26 24.61
N HIS A 318 22.06 -18.58 23.94
CA HIS A 318 20.74 -19.12 23.71
C HIS A 318 20.56 -19.47 22.26
N ALA A 319 20.09 -20.66 21.98
CA ALA A 319 19.99 -21.13 20.64
C ALA A 319 18.78 -20.51 19.93
N THR A 320 19.00 -19.99 18.72
CA THR A 320 17.92 -19.40 17.94
C THR A 320 17.92 -19.85 16.52
N VAL A 321 16.71 -19.98 15.96
CA VAL A 321 16.51 -20.29 14.55
C VAL A 321 15.53 -19.29 13.97
N GLY A 322 15.81 -18.79 12.77
CA GLY A 322 14.98 -17.74 12.20
C GLY A 322 14.65 -17.84 10.71
N LEU A 323 13.55 -17.21 10.34
CA LEU A 323 13.13 -17.11 8.94
C LEU A 323 12.86 -15.66 8.56
N THR A 324 13.15 -15.31 7.31
CA THR A 324 12.77 -14.00 6.77
C THR A 324 11.91 -14.21 5.54
N LEU A 325 10.77 -13.54 5.47
CA LEU A 325 9.93 -13.63 4.29
C LEU A 325 9.61 -12.23 3.79
N ARG A 326 9.97 -11.90 2.55
CA ARG A 326 9.54 -10.66 1.91
C ARG A 326 8.69 -10.94 0.70
N ILE A 327 7.56 -10.25 0.57
CA ILE A 327 6.75 -10.29 -0.63
C ILE A 327 7.25 -9.20 -1.53
N GLU A 328 7.90 -9.56 -2.60
CA GLU A 328 8.34 -8.57 -3.58
C GLU A 328 7.25 -7.86 -4.37
N SER A 329 6.34 -8.62 -4.99
CA SER A 329 5.20 -8.07 -5.67
C SER A 329 4.04 -9.00 -5.53
N ALA A 330 2.83 -8.45 -5.50
CA ALA A 330 1.58 -9.18 -5.40
C ALA A 330 0.52 -8.45 -6.16
N VAL A 331 -0.68 -9.01 -6.20
CA VAL A 331 -1.85 -8.38 -6.78
C VAL A 331 -2.93 -8.37 -5.70
N CYS A 332 -3.62 -7.26 -5.53
CA CYS A 332 -4.71 -7.19 -4.60
C CYS A 332 -5.92 -6.65 -5.29
N GLU A 333 -7.08 -6.97 -4.79
CA GLU A 333 -8.30 -6.45 -5.29
C GLU A 333 -8.67 -5.18 -4.59
N SER A 334 -7.88 -4.74 -3.62
CA SER A 334 -8.11 -3.56 -2.83
C SER A 334 -6.90 -2.71 -2.98
N VAL A 335 -7.04 -1.42 -2.88
CA VAL A 335 -5.88 -0.55 -2.89
C VAL A 335 -5.04 -0.66 -1.61
N LEU A 336 -3.74 -0.57 -1.74
CA LEU A 336 -2.84 -0.63 -0.64
C LEU A 336 -1.76 0.36 -0.92
N ALA A 337 -1.06 0.82 0.10
CA ALA A 337 0.16 1.58 -0.08
C ALA A 337 1.21 0.62 -0.57
N ASP A 338 2.18 1.09 -1.31
CA ASP A 338 3.25 0.22 -1.77
C ASP A 338 4.47 1.05 -1.94
N ALA A 339 5.59 0.40 -2.15
CA ALA A 339 6.85 1.09 -2.26
C ALA A 339 6.92 2.05 -3.44
N SER A 340 6.54 1.59 -4.63
CA SER A 340 6.54 2.44 -5.81
C SER A 340 5.56 3.61 -5.94
N GLU A 341 4.32 3.42 -5.56
CA GLU A 341 3.29 4.41 -5.80
C GLU A 341 3.38 5.60 -4.90
N THR A 342 2.79 6.72 -5.29
CA THR A 342 2.83 7.92 -4.48
C THR A 342 1.51 8.38 -3.91
N MET A 343 0.48 7.57 -3.95
CA MET A 343 -0.83 7.97 -3.48
C MET A 343 -1.05 8.24 -2.00
N LEU A 344 -0.53 7.42 -1.12
CA LEU A 344 -0.68 7.65 0.30
C LEU A 344 0.01 8.93 0.64
N ALA A 345 1.16 9.13 0.02
CA ALA A 345 1.91 10.34 0.18
C ALA A 345 1.18 11.54 -0.32
N ASN A 346 0.51 11.46 -1.45
CA ASN A 346 -0.27 12.57 -1.95
C ASN A 346 -1.47 12.92 -1.13
N VAL A 347 -2.23 11.93 -0.74
CA VAL A 347 -3.39 12.18 0.10
C VAL A 347 -3.06 12.68 1.48
N THR A 348 -2.07 12.08 2.10
CA THR A 348 -1.60 12.48 3.39
C THR A 348 -1.06 13.87 3.37
N SER A 349 -0.28 14.23 2.36
CA SER A 349 0.26 15.56 2.29
C SER A 349 -0.72 16.68 2.12
N VAL A 350 -1.74 16.47 1.34
CA VAL A 350 -2.76 17.48 1.14
C VAL A 350 -3.52 17.71 2.43
N ARG A 351 -3.82 16.66 3.14
CA ARG A 351 -4.48 16.75 4.42
C ARG A 351 -3.64 17.42 5.48
N GLN A 352 -2.35 17.11 5.50
CA GLN A 352 -1.41 17.75 6.39
C GLN A 352 -1.24 19.22 6.14
N GLU A 353 -1.11 19.62 4.89
CA GLU A 353 -0.96 21.01 4.52
C GLU A 353 -2.12 21.96 4.78
N TYR A 354 -3.33 21.48 4.69
CA TYR A 354 -4.46 22.34 4.85
C TYR A 354 -5.11 22.11 6.18
N ALA A 355 -4.44 21.36 7.03
CA ALA A 355 -4.87 21.22 8.38
C ALA A 355 -6.30 20.73 8.45
N ILE A 356 -6.57 19.65 7.76
CA ILE A 356 -7.90 19.13 7.73
C ILE A 356 -8.13 18.56 9.09
N PRO A 357 -9.27 18.81 9.69
CA PRO A 357 -9.59 18.22 10.99
C PRO A 357 -9.79 16.74 10.88
N VAL A 358 -9.71 15.98 11.97
CA VAL A 358 -9.88 14.54 11.88
C VAL A 358 -11.27 14.20 11.36
N GLY A 359 -11.35 13.14 10.56
CA GLY A 359 -12.58 12.73 9.93
C GLY A 359 -13.01 11.37 10.40
N PRO A 360 -14.40 11.12 10.35
CA PRO A 360 -14.78 9.84 10.97
C PRO A 360 -14.19 8.61 10.26
N VAL A 361 -14.16 8.63 8.93
CA VAL A 361 -13.72 7.47 8.16
C VAL A 361 -12.25 7.08 8.35
N PHE A 362 -11.37 8.07 8.45
CA PHE A 362 -9.93 7.82 8.43
C PHE A 362 -9.22 8.07 9.75
N PRO A 363 -8.20 7.15 10.06
CA PRO A 363 -7.54 7.43 11.36
C PRO A 363 -6.78 8.74 11.33
N PRO A 364 -6.59 9.38 12.48
CA PRO A 364 -5.97 10.70 12.51
C PRO A 364 -4.57 10.65 11.91
N GLY A 365 -4.26 11.62 11.05
CA GLY A 365 -2.98 11.70 10.40
C GLY A 365 -2.90 10.75 9.22
N MET A 366 -4.00 10.07 8.94
CA MET A 366 -4.06 9.13 7.83
C MET A 366 -2.97 8.07 7.98
N ASN A 367 -2.73 7.64 9.22
CA ASN A 367 -1.68 6.67 9.48
C ASN A 367 -1.99 5.32 8.84
N TRP A 368 -1.02 4.76 8.12
CA TRP A 368 -1.22 3.48 7.44
C TRP A 368 -1.47 2.30 8.38
N THR A 369 -0.71 2.22 9.47
CA THR A 369 -0.82 1.10 10.38
C THR A 369 -2.20 1.04 11.00
N ASP A 370 -2.70 2.20 11.38
CA ASP A 370 -4.07 2.31 11.91
C ASP A 370 -5.08 1.93 10.84
N LEU A 371 -4.83 2.36 9.61
CA LEU A 371 -5.74 2.16 8.55
C LEU A 371 -5.73 0.71 8.15
N ILE A 372 -4.56 0.17 7.90
CA ILE A 372 -4.46 -1.24 7.55
C ILE A 372 -4.90 -2.20 8.65
N THR A 373 -4.76 -1.81 9.91
CA THR A 373 -5.16 -2.66 11.02
C THR A 373 -6.63 -2.94 11.11
N ASN A 374 -7.47 -1.93 10.90
CA ASN A 374 -8.89 -2.13 10.86
C ASN A 374 -9.42 -1.56 9.57
N TYR A 375 -9.14 -2.27 8.50
CA TYR A 375 -9.38 -1.87 7.15
C TYR A 375 -10.76 -2.30 6.75
N SER A 376 -11.76 -1.62 7.28
CA SER A 376 -13.16 -1.94 7.08
C SER A 376 -13.67 -1.59 5.73
N PRO A 377 -14.83 -2.10 5.37
CA PRO A 377 -15.37 -1.84 4.05
C PRO A 377 -15.59 -0.37 3.81
N SER A 378 -15.96 0.35 4.86
CA SER A 378 -16.15 1.76 4.80
C SER A 378 -14.88 2.48 4.49
N ARG A 379 -13.79 2.08 5.11
CA ARG A 379 -12.51 2.69 4.85
C ARG A 379 -12.03 2.40 3.45
N GLU A 380 -12.28 1.20 2.98
CA GLU A 380 -11.86 0.76 1.67
C GLU A 380 -12.51 1.54 0.57
N ASP A 381 -13.78 1.87 0.73
CA ASP A 381 -14.51 2.67 -0.21
C ASP A 381 -13.96 4.05 -0.25
N ASN A 382 -13.74 4.61 0.90
CA ASN A 382 -13.17 5.92 0.99
C ASN A 382 -11.78 6.04 0.51
N LEU A 383 -10.98 5.02 0.76
CA LEU A 383 -9.57 5.00 0.35
C LEU A 383 -9.41 5.02 -1.16
N GLN A 384 -10.22 4.23 -1.86
CA GLN A 384 -10.15 4.15 -3.31
C GLN A 384 -10.53 5.46 -4.00
N ARG A 385 -11.57 6.12 -3.51
CA ARG A 385 -12.03 7.36 -4.12
C ARG A 385 -10.96 8.43 -4.02
N VAL A 386 -10.35 8.53 -2.85
CA VAL A 386 -9.25 9.47 -2.64
C VAL A 386 -8.03 9.10 -3.49
N PHE A 387 -7.74 7.81 -3.55
CA PHE A 387 -6.58 7.34 -4.31
C PHE A 387 -6.71 7.62 -5.80
N THR A 388 -7.91 7.40 -6.35
CA THR A 388 -8.15 7.65 -7.76
C THR A 388 -8.00 9.13 -8.10
N VAL A 389 -8.52 9.99 -7.22
CA VAL A 389 -8.40 11.42 -7.41
C VAL A 389 -6.93 11.83 -7.34
N ALA A 390 -6.20 11.22 -6.42
CA ALA A 390 -4.79 11.50 -6.26
C ALA A 390 -4.03 11.12 -7.52
N SER A 391 -4.41 9.98 -8.09
CA SER A 391 -3.82 9.53 -9.35
C SER A 391 -4.14 10.51 -10.46
N ILE A 392 -5.37 11.01 -10.45
CA ILE A 392 -5.82 11.91 -11.46
C ILE A 392 -5.03 13.15 -11.32
N ARG A 393 -4.85 13.63 -10.12
CA ARG A 393 -4.15 14.85 -9.88
C ARG A 393 -2.73 14.79 -10.32
N SER A 394 -2.10 13.65 -10.15
CA SER A 394 -0.71 13.49 -10.49
C SER A 394 -0.44 13.57 -11.97
N MET A 395 -1.46 13.37 -12.77
CA MET A 395 -1.36 13.45 -14.21
C MET A 395 -0.95 14.85 -14.52
N LEU A 396 -1.51 15.79 -13.78
CA LEU A 396 -1.41 17.19 -14.06
C LEU A 396 -0.47 17.93 -13.16
N VAL A 397 -0.50 17.62 -11.89
CA VAL A 397 0.29 18.32 -10.90
C VAL A 397 1.19 17.34 -10.21
N LYS A 398 2.42 17.22 -10.66
CA LYS A 398 3.41 16.50 -9.91
C LYS A 398 4.48 17.49 -9.53
ZN ZN B . 12.03 -1.62 -5.46
CL CL C . 13.35 -2.52 -3.20
CA CA D . 28.40 -11.48 20.90
CA CA E . -10.92 -13.74 2.77
#